data_7SCX
#
_entry.id   7SCX
#
_cell.length_a   121.950
_cell.length_b   38.770
_cell.length_c   68.240
_cell.angle_alpha   90.000
_cell.angle_beta   116.715
_cell.angle_gamma   90.000
#
_symmetry.space_group_name_H-M   'C 1 2 1'
#
loop_
_entity.id
_entity.type
_entity.pdbx_description
1 polymer 'Isoform 2B of GTPase KRas'
2 polymer 'Ral guanine nucleotide dissociation stimulator-like 1'
3 non-polymer 'MAGNESIUM ION'
4 non-polymer "5'-GUANOSINE-DIPHOSPHATE-MONOTHIOPHOSPHATE"
5 non-polymer 'PHOSPHATE ION'
6 water water
#
loop_
_entity_poly.entity_id
_entity_poly.type
_entity_poly.pdbx_seq_one_letter_code
_entity_poly.pdbx_strand_id
1 'polypeptide(L)'
;MTEYKLVVVGAVGVGKSALTIQLIQNHFVDEYDPTIEDSYRKQVVIDGETCLLDILDTAGQEEYSAMRDQYMRTGEGFLC
VFAINNTKSFEDIHHYREQIKRVKDSEDVPMVLVGNKSDLPSRTVDTKQAQDLARSYGIPFIETSAKTRQGVDDAFYTLV
REIRKHKEKMSKDGKKKKKKSKTKCVIM
;
A
2 'polypeptide(L)'
;QQNEDTCIIRISVEDNNGNMYKSIMLTSQDKTPAVIQRAMLKHNLDSDPAEEYELVQVISEDKELVIPDSANVFYAMNSQ
VNFDFILRKKNSM
;
B
#
loop_
_chem_comp.id
_chem_comp.type
_chem_comp.name
_chem_comp.formula
GSP non-polymer 5'-GUANOSINE-DIPHOSPHATE-MONOTHIOPHOSPHATE 'C10 H16 N5 O13 P3 S'
MG non-polymer 'MAGNESIUM ION' 'Mg 2'
PO4 non-polymer 'PHOSPHATE ION' 'O4 P -3'
#
# COMPACT_ATOMS: atom_id res chain seq x y z
N MET A 1 2.46 -13.67 -18.35
CA MET A 1 3.00 -13.43 -17.03
C MET A 1 2.03 -13.42 -15.85
N THR A 2 2.29 -14.30 -14.89
CA THR A 2 1.56 -14.28 -13.62
C THR A 2 1.74 -12.95 -12.87
N GLU A 3 0.64 -12.46 -12.30
CA GLU A 3 0.65 -11.29 -11.45
C GLU A 3 0.17 -11.66 -10.06
N TYR A 4 0.90 -11.24 -9.06
CA TYR A 4 0.56 -11.44 -7.67
C TYR A 4 0.10 -10.11 -7.04
N LYS A 5 -1.07 -10.11 -6.46
CA LYS A 5 -1.70 -8.92 -5.85
C LYS A 5 -1.51 -8.96 -4.34
N LEU A 6 -0.57 -8.19 -3.85
CA LEU A 6 -0.15 -8.18 -2.47
C LEU A 6 -0.69 -6.91 -1.80
N VAL A 7 -1.02 -7.04 -0.53
CA VAL A 7 -1.56 -5.96 0.26
C VAL A 7 -0.76 -5.93 1.56
N VAL A 8 -0.27 -4.75 1.94
CA VAL A 8 0.50 -4.55 3.17
C VAL A 8 -0.39 -3.84 4.16
N VAL A 9 -0.60 -4.48 5.32
CA VAL A 9 -1.51 -3.97 6.35
C VAL A 9 -0.76 -3.93 7.68
N GLY A 10 -1.27 -3.12 8.59
CA GLY A 10 -0.71 -3.02 9.93
C GLY A 10 -0.90 -1.61 10.46
N ALA A 11 -0.52 -1.43 11.72
CA ALA A 11 -0.82 -0.19 12.43
C ALA A 11 0.00 1.03 11.95
N VAL A 12 -0.38 2.21 12.49
CA VAL A 12 0.36 3.44 12.15
C VAL A 12 1.86 3.26 12.44
N GLY A 13 2.67 3.63 11.47
CA GLY A 13 4.09 3.85 11.69
C GLY A 13 4.91 2.59 11.82
N VAL A 14 4.35 1.41 11.48
CA VAL A 14 5.13 0.18 11.67
C VAL A 14 6.17 -0.01 10.58
N GLY A 15 5.98 0.60 9.42
CA GLY A 15 6.99 0.56 8.37
C GLY A 15 6.47 -0.04 7.08
N LYS A 16 5.16 -0.03 6.92
CA LYS A 16 4.55 -0.60 5.72
C LYS A 16 5.09 0.07 4.46
N SER A 17 5.07 1.41 4.44
CA SER A 17 5.54 2.14 3.26
C SER A 17 7.04 1.95 3.09
N ALA A 18 7.79 2.02 4.20
CA ALA A 18 9.24 1.87 4.10
C ALA A 18 9.62 0.52 3.51
N LEU A 19 8.97 -0.54 3.98
CA LEU A 19 9.21 -1.87 3.40
C LEU A 19 8.91 -1.91 1.91
N THR A 20 7.79 -1.37 1.51
CA THR A 20 7.33 -1.41 0.13
C THR A 20 8.27 -0.64 -0.79
N ILE A 21 8.66 0.56 -0.36
CA ILE A 21 9.57 1.39 -1.16
C ILE A 21 10.93 0.73 -1.27
N GLN A 22 11.38 0.08 -0.21
CA GLN A 22 12.64 -0.66 -0.34
C GLN A 22 12.53 -1.77 -1.36
N LEU A 23 11.43 -2.54 -1.32
CA LEU A 23 11.29 -3.63 -2.29
C LEU A 23 11.27 -3.12 -3.71
N ILE A 24 10.44 -2.11 -3.97
CA ILE A 24 10.21 -1.61 -5.34
C ILE A 24 11.32 -0.66 -5.82
N GLN A 25 11.74 0.28 -4.97
CA GLN A 25 12.62 1.35 -5.35
C GLN A 25 13.99 1.30 -4.72
N ASN A 26 14.24 0.39 -3.78
CA ASN A 26 15.58 0.20 -3.30
C ASN A 26 16.14 1.41 -2.56
N HIS A 27 15.32 2.13 -1.82
CA HIS A 27 15.85 3.23 -1.03
C HIS A 27 15.05 3.35 0.25
N PHE A 28 15.65 4.08 1.19
CA PHE A 28 15.04 4.27 2.51
C PHE A 28 15.41 5.66 2.97
N VAL A 29 14.45 6.42 3.39
CA VAL A 29 14.68 7.72 4.05
C VAL A 29 13.78 7.76 5.27
N ASP A 30 14.35 8.18 6.40
CA ASP A 30 13.57 8.39 7.61
C ASP A 30 12.76 9.66 7.40
N GLU A 31 11.50 9.52 7.03
CA GLU A 31 10.68 10.69 6.76
C GLU A 31 9.25 10.40 7.19
N TYR A 32 8.57 11.46 7.62
CA TYR A 32 7.17 11.42 8.03
C TYR A 32 6.27 11.59 6.81
N ASP A 33 5.46 10.58 6.51
CA ASP A 33 4.58 10.62 5.34
C ASP A 33 3.42 9.63 5.52
N PRO A 34 2.43 9.95 6.36
CA PRO A 34 1.32 9.00 6.57
C PRO A 34 0.64 8.66 5.26
N THR A 35 0.29 7.38 5.13
CA THR A 35 -0.35 6.90 3.93
C THR A 35 -1.88 6.89 4.03
N ILE A 36 -2.51 7.31 2.95
CA ILE A 36 -3.93 7.03 2.72
C ILE A 36 -4.03 5.72 1.94
N GLU A 37 -3.47 5.69 0.71
CA GLU A 37 -3.44 4.50 -0.11
C GLU A 37 -2.52 4.68 -1.30
N ASP A 38 -1.46 3.90 -1.37
CA ASP A 38 -0.49 3.96 -2.46
C ASP A 38 -0.44 2.59 -3.15
N SER A 39 -0.11 2.62 -4.44
CA SER A 39 -0.08 1.43 -5.25
C SER A 39 1.22 1.39 -6.05
N TYR A 40 1.82 0.20 -6.15
CA TYR A 40 3.11 0.04 -6.84
C TYR A 40 3.04 -1.21 -7.71
N ARG A 41 3.94 -1.28 -8.68
CA ARG A 41 4.05 -2.43 -9.58
C ARG A 41 5.49 -2.65 -10.02
N LYS A 42 5.90 -3.92 -10.05
CA LYS A 42 7.26 -4.23 -10.46
C LYS A 42 7.37 -5.67 -10.96
N GLN A 43 8.07 -5.85 -12.07
CA GLN A 43 8.41 -7.17 -12.58
C GLN A 43 9.69 -7.66 -11.90
N VAL A 44 9.64 -8.87 -11.36
CA VAL A 44 10.75 -9.48 -10.64
C VAL A 44 10.94 -10.93 -11.09
N VAL A 45 12.00 -11.56 -10.62
CA VAL A 45 12.23 -13.00 -10.79
C VAL A 45 12.17 -13.60 -9.40
N ILE A 46 11.27 -14.55 -9.20
CA ILE A 46 11.18 -15.26 -7.94
C ILE A 46 11.28 -16.75 -8.25
N ASP A 47 12.25 -17.42 -7.61
CA ASP A 47 12.44 -18.87 -7.79
C ASP A 47 12.59 -19.20 -9.26
N GLY A 48 13.26 -18.32 -10.00
CA GLY A 48 13.52 -18.50 -11.41
C GLY A 48 12.39 -18.11 -12.32
N GLU A 49 11.21 -17.82 -11.79
CA GLU A 49 10.06 -17.43 -12.60
C GLU A 49 9.91 -15.92 -12.66
N THR A 50 9.74 -15.40 -13.85
CA THR A 50 9.46 -13.97 -14.03
C THR A 50 8.00 -13.73 -13.70
N CYS A 51 7.72 -12.71 -12.90
CA CYS A 51 6.34 -12.40 -12.56
C CYS A 51 6.21 -10.92 -12.24
N LEU A 52 4.95 -10.52 -12.08
CA LEU A 52 4.60 -9.13 -11.82
C LEU A 52 4.03 -9.03 -10.41
N LEU A 53 4.61 -8.13 -9.63
CA LEU A 53 4.12 -7.85 -8.28
C LEU A 53 3.32 -6.55 -8.33
N ASP A 54 2.08 -6.61 -7.87
CA ASP A 54 1.24 -5.43 -7.63
C ASP A 54 1.07 -5.31 -6.13
N ILE A 55 1.50 -4.19 -5.56
CA ILE A 55 1.51 -4.03 -4.11
C ILE A 55 0.67 -2.84 -3.73
N LEU A 56 -0.32 -3.08 -2.85
CA LEU A 56 -1.16 -2.05 -2.30
C LEU A 56 -0.64 -1.73 -0.89
N ASP A 57 -0.26 -0.48 -0.69
CA ASP A 57 0.29 0.01 0.56
C ASP A 57 -0.83 0.80 1.26
N THR A 58 -1.33 0.28 2.38
CA THR A 58 -2.57 0.73 3.00
C THR A 58 -2.30 1.67 4.18
N ALA A 59 -3.38 2.28 4.68
CA ALA A 59 -3.32 3.23 5.78
C ALA A 59 -3.35 2.53 7.13
N GLY A 60 -2.35 2.83 7.99
CA GLY A 60 -2.49 2.46 9.40
C GLY A 60 -3.53 3.29 10.16
N GLN A 61 -3.78 4.51 9.72
CA GLN A 61 -4.61 5.43 10.50
C GLN A 61 -6.07 4.91 10.54
N GLU A 62 -6.62 4.80 11.73
CA GLU A 62 -7.99 4.30 11.86
C GLU A 62 -8.99 5.23 11.21
N GLU A 63 -8.63 6.49 10.97
CA GLU A 63 -9.56 7.39 10.28
C GLU A 63 -9.94 6.86 8.90
N TYR A 64 -9.09 6.05 8.29
CA TYR A 64 -9.37 5.48 6.97
C TYR A 64 -9.84 4.03 7.03
N SER A 65 -10.23 3.56 8.21
CA SER A 65 -10.53 2.15 8.41
C SER A 65 -11.71 1.66 7.56
N ALA A 66 -12.64 2.54 7.21
CA ALA A 66 -13.77 2.08 6.40
C ALA A 66 -13.34 1.53 5.04
N MET A 67 -12.15 1.88 4.57
CA MET A 67 -11.63 1.42 3.27
C MET A 67 -11.29 -0.06 3.30
N ARG A 68 -11.08 -0.62 4.50
CA ARG A 68 -10.61 -2.00 4.64
C ARG A 68 -11.59 -2.99 4.02
N ASP A 69 -12.86 -2.83 4.28
CA ASP A 69 -13.84 -3.79 3.81
C ASP A 69 -13.86 -3.90 2.29
N GLN A 70 -13.24 -2.95 1.59
CA GLN A 70 -13.18 -2.94 0.13
C GLN A 70 -11.87 -3.53 -0.38
N TYR A 71 -10.74 -2.97 0.05
CA TYR A 71 -9.46 -3.41 -0.52
C TYR A 71 -9.15 -4.84 -0.10
N MET A 72 -9.75 -5.29 0.99
CA MET A 72 -9.56 -6.67 1.46
C MET A 72 -10.23 -7.69 0.53
N ARG A 73 -11.21 -7.27 -0.25
CA ARG A 73 -11.89 -8.22 -1.14
C ARG A 73 -11.02 -8.64 -2.32
N THR A 74 -10.11 -7.78 -2.77
CA THR A 74 -9.35 -8.03 -3.99
C THR A 74 -7.86 -8.27 -3.77
N GLY A 75 -7.39 -8.34 -2.52
CA GLY A 75 -6.00 -8.76 -2.29
C GLY A 75 -5.89 -10.29 -2.34
N GLU A 76 -4.79 -10.77 -2.95
CA GLU A 76 -4.54 -12.21 -2.99
C GLU A 76 -3.74 -12.68 -1.78
N GLY A 77 -2.90 -11.82 -1.23
CA GLY A 77 -2.06 -12.19 -0.10
C GLY A 77 -1.80 -10.95 0.71
N PHE A 78 -1.52 -11.14 1.99
CA PHE A 78 -1.44 -10.03 2.92
C PHE A 78 -0.18 -10.13 3.78
N LEU A 79 0.60 -9.07 3.75
CA LEU A 79 1.75 -8.91 4.63
C LEU A 79 1.23 -8.17 5.85
N CYS A 80 1.22 -8.84 7.00
CA CYS A 80 0.71 -8.27 8.25
C CYS A 80 1.92 -7.79 9.06
N VAL A 81 2.08 -6.47 9.15
CA VAL A 81 3.26 -5.86 9.72
C VAL A 81 2.96 -5.28 11.09
N PHE A 82 3.80 -5.64 12.06
CA PHE A 82 3.98 -4.92 13.31
C PHE A 82 5.45 -4.48 13.47
N ALA A 83 5.70 -3.59 14.44
CA ALA A 83 7.05 -3.13 14.75
C ALA A 83 7.46 -3.69 16.11
N ILE A 84 8.71 -4.16 16.20
CA ILE A 84 9.13 -4.91 17.38
C ILE A 84 9.29 -4.03 18.61
N ASN A 85 9.23 -2.72 18.43
CA ASN A 85 9.26 -1.76 19.53
C ASN A 85 7.88 -1.18 19.80
N ASN A 86 6.82 -1.81 19.25
CA ASN A 86 5.46 -1.26 19.34
C ASN A 86 4.51 -2.40 19.68
N THR A 87 4.31 -2.63 20.98
CA THR A 87 3.47 -3.74 21.45
C THR A 87 2.02 -3.61 20.97
N LYS A 88 1.48 -2.39 20.95
CA LYS A 88 0.12 -2.22 20.49
C LYS A 88 -0.02 -2.65 19.03
N SER A 89 1.00 -2.44 18.22
CA SER A 89 0.93 -2.88 16.81
C SER A 89 0.96 -4.39 16.69
N PHE A 90 1.60 -5.07 17.63
CA PHE A 90 1.57 -6.51 17.66
C PHE A 90 0.20 -7.01 18.08
N GLU A 91 -0.42 -6.35 19.06
CA GLU A 91 -1.77 -6.69 19.50
C GLU A 91 -2.80 -6.44 18.39
N ASP A 92 -2.51 -5.53 17.47
CA ASP A 92 -3.45 -5.28 16.38
C ASP A 92 -3.49 -6.42 15.36
N ILE A 93 -2.44 -7.23 15.29
CA ILE A 93 -2.31 -8.18 14.19
C ILE A 93 -3.54 -9.08 14.11
N HIS A 94 -3.97 -9.65 15.23
CA HIS A 94 -5.09 -10.59 15.17
C HIS A 94 -6.35 -9.92 14.63
N HIS A 95 -6.54 -8.61 14.86
CA HIS A 95 -7.72 -7.94 14.31
C HIS A 95 -7.65 -7.83 12.78
N TYR A 96 -6.47 -7.58 12.22
CA TYR A 96 -6.34 -7.55 10.77
C TYR A 96 -6.60 -8.94 10.19
N ARG A 97 -6.04 -9.97 10.80
CA ARG A 97 -6.24 -11.32 10.29
C ARG A 97 -7.71 -11.72 10.35
N GLU A 98 -8.39 -11.41 11.45
CA GLU A 98 -9.83 -11.73 11.56
C GLU A 98 -10.65 -10.95 10.54
N GLN A 99 -10.28 -9.70 10.23
CA GLN A 99 -11.07 -8.96 9.26
C GLN A 99 -10.87 -9.49 7.86
N ILE A 100 -9.63 -9.84 7.52
CA ILE A 100 -9.30 -10.38 6.19
C ILE A 100 -10.07 -11.66 5.95
N LYS A 101 -10.05 -12.56 6.93
CA LYS A 101 -10.83 -13.78 6.80
C LYS A 101 -12.32 -13.50 6.62
N ARG A 102 -12.86 -12.55 7.39
CA ARG A 102 -14.28 -12.22 7.30
C ARG A 102 -14.66 -11.72 5.91
N VAL A 103 -13.92 -10.75 5.41
CA VAL A 103 -14.23 -10.09 4.14
C VAL A 103 -14.08 -11.07 2.99
N LYS A 104 -13.12 -11.98 3.07
CA LYS A 104 -12.91 -12.96 2.01
C LYS A 104 -13.73 -14.22 2.19
N ASP A 105 -14.44 -14.38 3.32
CA ASP A 105 -15.17 -15.61 3.63
C ASP A 105 -14.30 -16.85 3.45
N SER A 106 -13.10 -16.80 4.01
CA SER A 106 -12.13 -17.88 3.89
C SER A 106 -11.27 -17.97 5.12
N GLU A 107 -11.15 -19.16 5.69
CA GLU A 107 -10.21 -19.41 6.77
C GLU A 107 -8.78 -19.61 6.28
N ASP A 108 -8.54 -19.53 4.99
CA ASP A 108 -7.25 -19.88 4.37
C ASP A 108 -6.82 -18.80 3.37
N VAL A 109 -6.41 -17.65 3.87
CA VAL A 109 -5.96 -16.54 3.03
C VAL A 109 -4.44 -16.48 3.12
N PRO A 110 -3.72 -16.40 2.00
CA PRO A 110 -2.25 -16.24 2.09
C PRO A 110 -1.86 -15.01 2.91
N MET A 111 -1.01 -15.24 3.92
CA MET A 111 -0.60 -14.22 4.86
C MET A 111 0.81 -14.54 5.34
N VAL A 112 1.59 -13.48 5.59
CA VAL A 112 2.90 -13.59 6.23
C VAL A 112 2.96 -12.55 7.35
N LEU A 113 3.44 -12.96 8.52
CA LEU A 113 3.63 -12.05 9.63
C LEU A 113 5.03 -11.44 9.57
N VAL A 114 5.13 -10.10 9.64
CA VAL A 114 6.41 -9.39 9.52
C VAL A 114 6.64 -8.56 10.77
N GLY A 115 7.71 -8.86 11.47
CA GLY A 115 8.19 -8.03 12.56
C GLY A 115 9.29 -7.08 12.11
N ASN A 116 8.92 -5.81 11.87
CA ASN A 116 9.82 -4.80 11.33
C ASN A 116 10.50 -3.95 12.39
N LYS A 117 11.52 -3.18 11.93
CA LYS A 117 12.42 -2.38 12.74
C LYS A 117 13.36 -3.23 13.59
N SER A 118 13.80 -4.36 13.01
CA SER A 118 14.69 -5.25 13.72
C SER A 118 16.07 -4.65 13.96
N ASP A 119 16.40 -3.56 13.30
CA ASP A 119 17.64 -2.82 13.59
C ASP A 119 17.60 -2.09 14.93
N LEU A 120 16.41 -1.91 15.52
CA LEU A 120 16.34 -1.11 16.74
C LEU A 120 16.78 -1.90 17.97
N PRO A 121 17.41 -1.23 18.95
CA PRO A 121 17.70 -1.92 20.23
C PRO A 121 16.56 -1.90 21.23
N SER A 122 15.56 -1.03 21.07
CA SER A 122 14.53 -0.83 22.10
C SER A 122 13.34 -1.78 21.89
N ARG A 123 13.64 -3.07 21.90
CA ARG A 123 12.65 -4.10 21.59
C ARG A 123 11.67 -4.34 22.74
N THR A 124 10.37 -4.39 22.42
CA THR A 124 9.34 -4.75 23.40
C THR A 124 8.53 -5.99 23.05
N VAL A 125 8.58 -6.48 21.81
CA VAL A 125 7.91 -7.72 21.41
C VAL A 125 8.96 -8.81 21.33
N ASP A 126 8.77 -9.87 22.12
CA ASP A 126 9.67 -11.02 22.09
C ASP A 126 9.58 -11.76 20.75
N THR A 127 10.73 -12.08 20.15
CA THR A 127 10.72 -12.82 18.89
C THR A 127 10.00 -14.16 19.03
N LYS A 128 10.20 -14.86 20.16
CA LYS A 128 9.54 -16.14 20.37
C LYS A 128 8.03 -15.96 20.50
N GLN A 129 7.58 -14.80 20.98
CA GLN A 129 6.13 -14.58 21.06
C GLN A 129 5.53 -14.42 19.67
N ALA A 130 6.24 -13.73 18.78
CA ALA A 130 5.79 -13.61 17.40
C ALA A 130 5.82 -14.94 16.68
N GLN A 131 6.85 -15.77 16.95
CA GLN A 131 6.97 -17.07 16.30
C GLN A 131 5.84 -18.00 16.71
N ASP A 132 5.47 -17.96 17.98
CA ASP A 132 4.36 -18.77 18.48
C ASP A 132 3.05 -18.32 17.84
N LEU A 133 2.80 -17.01 17.79
CA LEU A 133 1.57 -16.53 17.14
C LEU A 133 1.49 -17.03 15.70
N ALA A 134 2.58 -16.87 14.94
CA ALA A 134 2.56 -17.25 13.53
C ALA A 134 2.36 -18.76 13.39
N ARG A 135 2.94 -19.54 14.31
CA ARG A 135 2.72 -20.98 14.29
C ARG A 135 1.26 -21.31 14.55
N SER A 136 0.65 -20.64 15.53
CA SER A 136 -0.76 -20.88 15.82
C SER A 136 -1.64 -20.50 14.62
N TYR A 137 -1.18 -19.59 13.77
CA TYR A 137 -1.90 -19.26 12.55
C TYR A 137 -1.53 -20.17 11.39
N GLY A 138 -0.41 -20.88 11.49
CA GLY A 138 0.07 -21.63 10.34
C GLY A 138 0.71 -20.79 9.26
N ILE A 139 1.29 -19.64 9.59
CA ILE A 139 1.87 -18.77 8.57
C ILE A 139 3.33 -18.51 8.90
N PRO A 140 4.10 -18.12 7.90
CA PRO A 140 5.50 -17.71 8.16
C PRO A 140 5.61 -16.39 8.91
N PHE A 141 6.71 -16.28 9.66
CA PHE A 141 7.10 -15.08 10.38
C PHE A 141 8.49 -14.69 9.95
N ILE A 142 8.66 -13.43 9.59
CA ILE A 142 9.96 -12.93 9.12
C ILE A 142 10.24 -11.61 9.82
N GLU A 143 11.42 -11.48 10.38
CA GLU A 143 11.88 -10.22 10.96
C GLU A 143 12.59 -9.41 9.88
N THR A 144 12.20 -8.16 9.73
CA THR A 144 12.70 -7.28 8.69
C THR A 144 13.24 -5.98 9.27
N SER A 145 14.02 -5.27 8.46
CA SER A 145 14.35 -3.87 8.74
C SER A 145 14.36 -3.15 7.41
N ALA A 146 13.41 -2.22 7.21
CA ALA A 146 13.50 -1.40 6.00
C ALA A 146 14.74 -0.53 6.01
N LYS A 147 15.27 -0.22 7.21
CA LYS A 147 16.43 0.66 7.34
C LYS A 147 17.71 -0.02 6.85
N THR A 148 17.95 -1.27 7.24
CA THR A 148 19.10 -2.00 6.74
C THR A 148 18.74 -2.86 5.52
N ARG A 149 17.44 -3.07 5.27
CA ARG A 149 16.87 -3.85 4.18
C ARG A 149 16.93 -5.34 4.50
N GLN A 150 17.34 -5.70 5.71
CA GLN A 150 17.34 -7.10 6.11
C GLN A 150 15.95 -7.67 5.95
N GLY A 151 15.86 -8.83 5.28
CA GLY A 151 14.60 -9.55 5.21
C GLY A 151 13.52 -8.96 4.33
N VAL A 152 13.79 -7.88 3.60
CA VAL A 152 12.73 -7.29 2.78
C VAL A 152 12.34 -8.24 1.65
N ASP A 153 13.32 -8.68 0.87
CA ASP A 153 13.01 -9.63 -0.20
C ASP A 153 12.29 -10.86 0.35
N ASP A 154 12.81 -11.41 1.45
CA ASP A 154 12.30 -12.66 1.98
C ASP A 154 10.83 -12.53 2.35
N ALA A 155 10.45 -11.43 2.97
CA ALA A 155 9.06 -11.25 3.40
C ALA A 155 8.12 -11.23 2.19
N PHE A 156 8.42 -10.41 1.19
CA PHE A 156 7.51 -10.29 0.06
C PHE A 156 7.55 -11.57 -0.78
N TYR A 157 8.74 -12.18 -0.94
CA TYR A 157 8.84 -13.36 -1.81
C TYR A 157 8.18 -14.57 -1.13
N THR A 158 8.30 -14.66 0.21
CA THR A 158 7.62 -15.70 0.94
C THR A 158 6.11 -15.57 0.79
N LEU A 159 5.59 -14.34 0.78
CA LEU A 159 4.16 -14.15 0.52
C LEU A 159 3.80 -14.65 -0.88
N VAL A 160 4.64 -14.34 -1.87
CA VAL A 160 4.33 -14.78 -3.22
C VAL A 160 4.28 -16.30 -3.29
N ARG A 161 5.24 -16.96 -2.64
CA ARG A 161 5.26 -18.42 -2.63
C ARG A 161 4.01 -18.98 -1.97
N GLU A 162 3.56 -18.34 -0.89
CA GLU A 162 2.32 -18.75 -0.23
C GLU A 162 1.11 -18.63 -1.15
N ILE A 163 1.03 -17.53 -1.90
CA ILE A 163 -0.06 -17.35 -2.85
C ILE A 163 0.02 -18.44 -3.92
N ARG A 164 1.21 -18.64 -4.48
N ARG A 164 1.20 -18.66 -4.49
CA ARG A 164 1.41 -19.65 -5.52
CA ARG A 164 1.29 -19.66 -5.55
C ARG A 164 0.91 -21.01 -5.06
C ARG A 164 0.83 -21.02 -5.03
N LYS A 165 1.16 -21.35 -3.78
CA LYS A 165 0.74 -22.64 -3.26
C LYS A 165 -0.78 -22.69 -3.08
N HIS A 166 -1.36 -21.59 -2.60
CA HIS A 166 -2.82 -21.50 -2.47
C HIS A 166 -3.50 -21.65 -3.83
N LYS A 167 -2.98 -20.97 -4.85
CA LYS A 167 -3.53 -21.10 -6.19
C LYS A 167 -3.44 -22.54 -6.70
N GLU A 168 -2.27 -23.18 -6.52
CA GLU A 168 -2.14 -24.59 -6.87
C GLU A 168 -3.04 -25.51 -6.00
N LYS A 169 -3.91 -24.88 -5.22
CA LYS A 169 -4.84 -25.53 -4.29
C LYS A 169 -4.12 -26.10 -3.08
N ASP B 5 -16.52 19.71 2.77
CA ASP B 5 -16.49 18.32 2.32
C ASP B 5 -15.05 17.93 1.93
N THR B 6 -14.79 16.63 1.84
CA THR B 6 -13.47 16.12 1.50
C THR B 6 -13.63 14.88 0.65
N CYS B 7 -12.55 14.49 -0.03
CA CYS B 7 -12.53 13.24 -0.77
C CYS B 7 -11.08 12.88 -1.08
N ILE B 8 -10.88 11.63 -1.38
CA ILE B 8 -9.56 11.10 -1.69
C ILE B 8 -9.36 11.14 -3.19
N ILE B 9 -8.16 11.52 -3.63
CA ILE B 9 -7.81 11.54 -5.05
C ILE B 9 -6.48 10.83 -5.20
N ARG B 10 -6.35 10.09 -6.30
CA ARG B 10 -5.12 9.34 -6.60
C ARG B 10 -4.27 10.18 -7.55
N ILE B 11 -3.01 10.37 -7.17
CA ILE B 11 -2.06 11.20 -7.91
C ILE B 11 -0.96 10.31 -8.48
N SER B 12 -0.77 10.35 -9.80
CA SER B 12 0.34 9.66 -10.40
C SER B 12 1.30 10.67 -11.03
N VAL B 13 2.56 10.29 -11.14
CA VAL B 13 3.55 11.08 -11.86
C VAL B 13 4.00 10.27 -13.09
N GLU B 14 4.74 10.92 -13.98
CA GLU B 14 5.13 10.17 -15.16
C GLU B 14 6.47 9.47 -15.00
N ASP B 15 7.19 9.71 -13.92
CA ASP B 15 8.39 8.94 -13.62
C ASP B 15 8.03 7.46 -13.58
N ASN B 16 8.69 6.68 -14.44
CA ASN B 16 8.50 5.23 -14.50
C ASN B 16 9.30 4.59 -13.35
N ASN B 17 8.85 4.86 -12.12
CA ASN B 17 9.59 4.51 -10.91
C ASN B 17 8.95 3.35 -10.14
N GLY B 18 7.99 2.67 -10.73
CA GLY B 18 7.30 1.61 -10.06
C GLY B 18 6.11 2.04 -9.21
N ASN B 19 5.94 3.32 -8.97
CA ASN B 19 4.73 3.79 -8.30
C ASN B 19 3.61 3.94 -9.32
N MET B 20 2.41 3.44 -8.97
CA MET B 20 1.24 3.55 -9.84
C MET B 20 0.49 4.81 -9.48
N TYR B 21 0.27 5.05 -8.18
CA TYR B 21 -0.34 6.30 -7.70
C TYR B 21 -0.08 6.42 -6.21
N LYS B 22 -0.26 7.62 -5.70
CA LYS B 22 -0.24 7.91 -4.26
C LYS B 22 -1.46 8.75 -3.95
N SER B 23 -2.22 8.42 -2.91
CA SER B 23 -3.43 9.15 -2.63
C SER B 23 -3.21 10.31 -1.68
N ILE B 24 -3.95 11.41 -1.92
CA ILE B 24 -3.94 12.59 -1.06
C ILE B 24 -5.38 13.05 -0.83
N MET B 25 -5.58 13.89 0.18
CA MET B 25 -6.88 14.43 0.52
C MET B 25 -7.15 15.67 -0.33
N LEU B 26 -8.37 15.78 -0.82
CA LEU B 26 -8.85 16.96 -1.52
C LEU B 26 -10.05 17.51 -0.78
N THR B 27 -10.10 18.83 -0.62
CA THR B 27 -11.20 19.52 0.08
C THR B 27 -11.94 20.46 -0.87
N SER B 28 -13.16 20.84 -0.46
CA SER B 28 -14.05 21.63 -1.30
C SER B 28 -13.57 23.07 -1.48
N GLN B 29 -12.68 23.56 -0.62
CA GLN B 29 -12.14 24.89 -0.76
C GLN B 29 -10.75 24.90 -1.37
N ASP B 30 -10.17 23.73 -1.65
CA ASP B 30 -8.86 23.68 -2.29
C ASP B 30 -8.93 24.27 -3.69
N LYS B 31 -8.05 25.22 -3.95
CA LYS B 31 -7.80 25.72 -5.29
C LYS B 31 -6.56 25.04 -5.84
N THR B 32 -6.43 25.10 -7.16
CA THR B 32 -5.45 24.25 -7.83
C THR B 32 -4.03 24.40 -7.28
N PRO B 33 -3.50 25.61 -7.01
CA PRO B 33 -2.11 25.67 -6.52
C PRO B 33 -1.88 24.86 -5.25
N ALA B 34 -2.85 24.87 -4.33
CA ALA B 34 -2.70 24.09 -3.10
C ALA B 34 -2.64 22.60 -3.40
N VAL B 35 -3.47 22.12 -4.31
CA VAL B 35 -3.47 20.68 -4.60
C VAL B 35 -2.16 20.29 -5.26
N ILE B 36 -1.65 21.14 -6.16
CA ILE B 36 -0.35 20.91 -6.77
C ILE B 36 0.74 20.83 -5.69
N GLN B 37 0.76 21.79 -4.77
CA GLN B 37 1.75 21.75 -3.72
C GLN B 37 1.67 20.44 -2.95
N ARG B 38 0.45 20.03 -2.59
CA ARG B 38 0.27 18.78 -1.85
C ARG B 38 0.71 17.56 -2.65
N ALA B 39 0.41 17.53 -3.94
CA ALA B 39 0.79 16.40 -4.78
C ALA B 39 2.31 16.30 -4.90
N MET B 40 2.97 17.43 -5.13
CA MET B 40 4.43 17.41 -5.22
C MET B 40 5.08 16.98 -3.92
N LEU B 41 4.60 17.48 -2.77
CA LEU B 41 5.11 17.00 -1.48
C LEU B 41 5.02 15.48 -1.43
N LYS B 42 3.86 14.97 -1.79
CA LYS B 42 3.60 13.53 -1.71
C LYS B 42 4.55 12.72 -2.59
N HIS B 43 4.88 13.23 -3.77
CA HIS B 43 5.81 12.56 -4.67
C HIS B 43 7.25 13.09 -4.56
N ASN B 44 7.58 13.76 -3.46
CA ASN B 44 8.96 14.20 -3.18
C ASN B 44 9.51 15.16 -4.25
N LEU B 45 8.67 16.08 -4.68
CA LEU B 45 9.03 17.16 -5.59
C LEU B 45 8.90 18.53 -4.93
N ASP B 46 8.98 18.58 -3.60
CA ASP B 46 8.74 19.83 -2.87
C ASP B 46 9.80 20.88 -3.18
N SER B 47 11.04 20.48 -3.44
CA SER B 47 12.10 21.44 -3.74
C SER B 47 12.00 22.02 -5.14
N ASP B 48 11.05 21.58 -5.95
CA ASP B 48 10.95 22.05 -7.32
C ASP B 48 9.88 23.13 -7.45
N PRO B 49 10.01 24.02 -8.44
CA PRO B 49 9.04 25.11 -8.58
C PRO B 49 7.67 24.59 -9.00
N ALA B 50 6.65 24.92 -8.20
CA ALA B 50 5.30 24.45 -8.49
C ALA B 50 4.78 25.00 -9.82
N GLU B 51 5.26 26.17 -10.24
CA GLU B 51 4.76 26.76 -11.47
C GLU B 51 5.08 25.91 -12.69
N GLU B 52 6.04 24.99 -12.60
CA GLU B 52 6.39 24.13 -13.72
C GLU B 52 5.47 22.91 -13.86
N TYR B 53 4.45 22.80 -13.03
CA TYR B 53 3.62 21.59 -12.96
C TYR B 53 2.15 21.94 -13.14
N GLU B 54 1.39 20.99 -13.65
CA GLU B 54 -0.03 21.16 -13.87
C GLU B 54 -0.77 19.93 -13.35
N LEU B 55 -2.06 20.11 -13.10
CA LEU B 55 -2.92 19.10 -12.52
C LEU B 55 -3.92 18.66 -13.58
N VAL B 56 -3.93 17.36 -13.89
CA VAL B 56 -4.70 16.84 -15.01
C VAL B 56 -5.56 15.67 -14.51
N GLN B 57 -6.87 15.78 -14.67
CA GLN B 57 -7.77 14.70 -14.27
C GLN B 57 -7.92 13.70 -15.41
N VAL B 58 -7.78 12.42 -15.09
CA VAL B 58 -7.94 11.36 -16.07
C VAL B 58 -9.38 10.89 -15.99
N ILE B 59 -10.12 11.07 -17.09
CA ILE B 59 -11.52 10.67 -17.20
C ILE B 59 -11.65 9.28 -17.81
N SER B 60 -10.90 9.03 -18.87
CA SER B 60 -10.78 7.72 -19.49
C SER B 60 -9.39 7.64 -20.11
N GLU B 61 -9.12 6.55 -20.84
CA GLU B 61 -7.81 6.40 -21.46
C GLU B 61 -7.53 7.53 -22.43
N ASP B 62 -8.56 8.01 -23.13
CA ASP B 62 -8.37 9.03 -24.15
C ASP B 62 -8.89 10.41 -23.72
N LYS B 63 -9.40 10.55 -22.51
CA LYS B 63 -10.05 11.78 -22.07
C LYS B 63 -9.35 12.30 -20.83
N GLU B 64 -8.88 13.54 -20.91
CA GLU B 64 -8.21 14.21 -19.81
C GLU B 64 -8.78 15.61 -19.68
N LEU B 65 -8.53 16.21 -18.53
CA LEU B 65 -9.15 17.49 -18.21
C LEU B 65 -8.16 18.25 -17.33
N VAL B 66 -7.52 19.26 -17.90
CA VAL B 66 -6.55 20.07 -17.17
C VAL B 66 -7.32 21.02 -16.27
N ILE B 67 -7.00 20.99 -14.98
CA ILE B 67 -7.65 21.93 -14.05
C ILE B 67 -6.91 23.25 -14.17
N PRO B 68 -7.58 24.34 -14.54
CA PRO B 68 -6.88 25.64 -14.60
C PRO B 68 -6.39 26.06 -13.23
N ASP B 69 -5.25 26.74 -13.21
CA ASP B 69 -4.59 27.05 -11.94
C ASP B 69 -5.40 27.98 -11.07
N SER B 70 -6.44 28.62 -11.61
CA SER B 70 -7.28 29.53 -10.86
C SER B 70 -8.52 28.87 -10.27
N ALA B 71 -8.70 27.56 -10.46
CA ALA B 71 -9.98 26.92 -10.21
C ALA B 71 -10.03 26.23 -8.86
N ASN B 72 -11.23 26.26 -8.29
CA ASN B 72 -11.55 25.37 -7.18
C ASN B 72 -11.68 23.96 -7.74
N VAL B 73 -10.92 23.00 -7.19
CA VAL B 73 -10.76 21.72 -7.86
C VAL B 73 -12.03 20.88 -7.78
N PHE B 74 -12.70 20.89 -6.63
CA PHE B 74 -14.01 20.23 -6.51
C PHE B 74 -14.93 20.60 -7.67
N TYR B 75 -15.05 21.87 -7.98
N TYR B 75 -15.01 21.89 -7.97
CA TYR B 75 -16.06 22.28 -8.95
CA TYR B 75 -15.97 22.45 -8.92
C TYR B 75 -15.56 22.30 -10.39
C TYR B 75 -15.55 22.23 -10.35
N ALA B 76 -14.25 22.21 -10.62
CA ALA B 76 -13.74 22.09 -11.98
C ALA B 76 -13.60 20.65 -12.47
N MET B 77 -13.36 19.70 -11.58
CA MET B 77 -13.23 18.31 -11.96
C MET B 77 -14.57 17.71 -12.37
N ASN B 78 -14.50 16.65 -13.16
CA ASN B 78 -15.64 15.78 -13.40
C ASN B 78 -15.81 14.90 -12.17
N SER B 79 -16.88 15.11 -11.42
CA SER B 79 -17.14 14.36 -10.21
C SER B 79 -18.07 13.16 -10.44
N GLN B 80 -18.34 12.80 -11.69
CA GLN B 80 -19.27 11.70 -11.95
C GLN B 80 -18.68 10.40 -11.42
N VAL B 81 -19.53 9.60 -10.76
CA VAL B 81 -19.14 8.31 -10.22
C VAL B 81 -19.60 7.17 -11.12
N ASN B 82 -18.66 6.36 -11.58
CA ASN B 82 -18.90 5.26 -12.51
C ASN B 82 -18.36 3.98 -11.91
N PHE B 83 -19.07 2.89 -12.12
CA PHE B 83 -18.61 1.56 -11.80
C PHE B 83 -18.64 0.72 -13.07
N ASP B 84 -17.58 -0.06 -13.29
CA ASP B 84 -17.39 -0.80 -14.53
C ASP B 84 -17.58 -2.28 -14.28
N PHE B 85 -18.34 -2.94 -15.15
CA PHE B 85 -18.63 -4.36 -15.05
C PHE B 85 -18.49 -5.00 -16.42
N ILE B 86 -18.19 -6.30 -16.44
CA ILE B 86 -18.14 -7.07 -17.67
C ILE B 86 -19.24 -8.11 -17.60
N LEU B 87 -20.02 -8.22 -18.68
CA LEU B 87 -20.96 -9.33 -18.84
C LEU B 87 -20.20 -10.43 -19.58
N ARG B 88 -19.84 -11.49 -18.86
CA ARG B 88 -18.92 -12.51 -19.35
C ARG B 88 -19.57 -13.88 -19.43
N LYS B 89 -19.32 -14.57 -20.54
CA LYS B 89 -19.75 -15.97 -20.69
C LYS B 89 -18.89 -16.88 -19.82
N LYS B 90 -19.53 -17.78 -19.10
CA LYS B 90 -18.81 -18.74 -18.25
C LYS B 90 -18.22 -19.89 -19.07
MG MG C . 2.59 4.30 4.95
PG GSP D . 1.23 4.74 7.94
O3B GSP D . 2.73 4.29 8.43
S1G GSP D . 0.75 6.22 9.02
O2G GSP D . 1.32 5.13 6.52
O3G GSP D . 0.31 3.54 8.07
PB GSP D . 3.67 3.19 7.73
O1B GSP D . 3.47 1.82 8.28
O2B GSP D . 3.71 3.22 6.24
PA GSP D . 6.41 4.27 7.56
O1A GSP D . 6.77 3.40 6.45
O2A GSP D . 5.89 5.55 7.04
O3A GSP D . 5.13 3.60 8.37
O5' GSP D . 7.43 4.31 8.76
C5' GSP D . 7.20 5.22 9.83
C4' GSP D . 8.54 5.56 10.48
O4' GSP D . 9.34 4.45 10.83
C3' GSP D . 9.35 6.41 9.50
O3' GSP D . 10.08 7.34 10.24
C2' GSP D . 10.28 5.42 8.86
O2' GSP D . 11.43 6.04 8.34
C1' GSP D . 10.55 4.52 10.05
N9 GSP D . 10.89 3.13 9.72
C8 GSP D . 10.24 2.32 8.83
N7 GSP D . 10.84 1.10 8.87
C5 GSP D . 11.89 1.15 9.73
C6 GSP D . 12.86 0.25 10.12
O6 GSP D . 12.91 -0.94 9.68
N1 GSP D . 13.78 0.66 11.08
C2 GSP D . 13.78 1.95 11.61
N2 GSP D . 14.65 2.32 12.51
N3 GSP D . 12.85 2.86 11.20
C4 GSP D . 11.90 2.46 10.28
HOG2 GSP D . 2.12 4.94 6.01
HOG3 GSP D . 0.34 2.82 7.41
H5'1 GSP D . 6.73 6.12 9.45
H5'2 GSP D . 6.53 4.76 10.57
H4' GSP D . 8.28 6.08 11.41
H3' GSP D . 8.74 6.95 8.78
HO3' GSP D . 9.69 8.23 10.14
H2' GSP D . 9.91 4.90 7.99
HO2' GSP D . 12.20 5.83 8.91
H1' GSP D . 11.41 4.95 10.56
H8 GSP D . 9.40 2.59 8.19
HN21 GSP D . 14.60 3.27 12.89
HN22 GSP D . 15.34 1.67 12.85
HN3 GSP D . 12.86 3.83 11.57
P PO4 E . 14.40 -5.98 -6.10
O1 PO4 E . 13.68 -6.43 -4.86
O2 PO4 E . 13.68 -6.50 -7.33
O3 PO4 E . 15.81 -6.55 -6.09
O4 PO4 E . 14.45 -4.47 -6.14
#